data_5XR8
#
_entry.id   5XR8
#
_cell.length_a   66.830
_cell.length_b   73.610
_cell.length_c   139.640
_cell.angle_alpha   90.00
_cell.angle_beta   90.00
_cell.angle_gamma   90.00
#
_symmetry.space_group_name_H-M   'P 21 2 21'
#
loop_
_entity.id
_entity.type
_entity.pdbx_description
1 polymer 'Cannabinoid receptor 1,Flavodoxin,Cannabinoid receptor 1'
2 non-polymer 'FLAVIN MONONUCLEOTIDE'
3 non-polymer (6~{a}~{R},9~{R},10~{a}~{R})-9-(hydroxymethyl)-3-(8-isothiocyanato-2-methyl-octan-2-yl)-6,6-dimethyl-6~{a},7,8,9,10,10~{a}-hexahydrobenzo[c]chromen-1-ol
4 non-polymer CHOLESTEROL
5 non-polymer DI(HYDROXYETHYL)ETHER
6 water water
#
_entity_poly.entity_id   1
_entity_poly.type   'polypeptide(L)'
_entity_poly.pdbx_seq_one_letter_code
;GENFMDIECFMVLNPSQQLAIAVLSLTLGTFTVLENLLVLCVILHSRSLRCRPSYHFIGSLAVADLLGSVIFVYSFIDFH
VFHRKDSRNVFLFKLGGVTASFTASVGSLFLAAIDRYISIHRPLAYKRIVTRPKAVVAFCLMWTIAIVIAVLPLLGWNCE
KLQSVCSDIFPHIDKTYLMFWIGVVSVLLLFIVYAYMYILWKAHSHAVAKALIVYGSTTGNTEYTAETIARELADAGYEV
DSRDAASVEAGGLFEGFDLVLLGCSTWGDDSIELQDDFIPLFDSLEETGAQGRKVACFGCGDSSWEYFCGAVDAIEEKLK
NLGAEIVQDGLRIDGDPRAARDDIVGWAHDVRGAIPDQARMDIELAKTLVLILVVLIICWGPLLAIMVYDVFGKMNKLIK
TVFAFCSMLCLLNSTVNPIIYALRSKDLRHAFRSMFPS
;
_entity_poly.pdbx_strand_id   A
#
loop_
_chem_comp.id
_chem_comp.type
_chem_comp.name
_chem_comp.formula
8D0 non-polymer (6~{a}~{R},9~{R},10~{a}~{R})-9-(hydroxymethyl)-3-(8-isothiocyanato-2-methyl-octan-2-yl)-6,6-dimethyl-6~{a},7,8,9,10,10~{a}-hexahydrobenzo[c]chromen-1-ol 'C26 H39 N O3 S'
CLR non-polymer CHOLESTEROL 'C27 H46 O'
FMN non-polymer 'FLAVIN MONONUCLEOTIDE' 'C17 H21 N4 O9 P'
PEG non-polymer DI(HYDROXYETHYL)ETHER 'C4 H10 O3'
#
# COMPACT_ATOMS: atom_id res chain seq x y z
N PHE A 4 18.01 -35.65 -20.36
CA PHE A 4 19.45 -35.84 -20.49
C PHE A 4 20.10 -34.60 -21.09
N MET A 5 20.52 -33.68 -20.23
CA MET A 5 21.15 -32.43 -20.63
C MET A 5 22.55 -32.36 -20.03
N ASP A 6 23.49 -31.79 -20.79
CA ASP A 6 24.85 -31.63 -20.28
C ASP A 6 24.89 -30.53 -19.22
N ILE A 7 25.66 -30.78 -18.16
CA ILE A 7 25.75 -29.79 -17.08
C ILE A 7 26.50 -28.55 -17.56
N GLU A 8 27.57 -28.74 -18.34
CA GLU A 8 28.33 -27.61 -18.84
C GLU A 8 27.55 -26.80 -19.88
N CYS A 9 26.47 -27.36 -20.43
CA CYS A 9 25.61 -26.59 -21.32
C CYS A 9 24.91 -25.46 -20.57
N PHE A 10 24.70 -25.61 -19.27
CA PHE A 10 24.12 -24.57 -18.45
C PHE A 10 25.16 -23.57 -17.95
N MET A 11 26.43 -23.75 -18.31
CA MET A 11 27.53 -22.93 -17.80
C MET A 11 28.03 -22.02 -18.93
N VAL A 12 27.42 -20.84 -19.04
CA VAL A 12 27.86 -19.81 -19.97
C VAL A 12 28.76 -18.87 -19.18
N LEU A 13 30.08 -19.04 -19.33
CA LEU A 13 31.03 -18.47 -18.38
C LEU A 13 32.23 -17.88 -19.13
N ASN A 14 32.25 -16.56 -19.25
CA ASN A 14 33.42 -15.83 -19.71
C ASN A 14 34.27 -15.45 -18.50
N PRO A 15 35.58 -15.73 -18.52
CA PRO A 15 36.43 -15.37 -17.37
C PRO A 15 36.22 -13.97 -16.83
N SER A 16 35.97 -12.99 -17.71
CA SER A 16 35.59 -11.66 -17.23
C SER A 16 34.18 -11.67 -16.65
N GLN A 17 33.25 -12.32 -17.35
CA GLN A 17 31.91 -12.49 -16.80
C GLN A 17 31.93 -13.35 -15.53
N GLN A 18 32.93 -14.22 -15.40
CA GLN A 18 33.07 -15.00 -14.18
C GLN A 18 33.55 -14.11 -13.02
N LEU A 19 34.48 -13.20 -13.30
CA LEU A 19 34.96 -12.30 -12.26
C LEU A 19 33.86 -11.36 -11.80
N ALA A 20 33.13 -10.76 -12.75
CA ALA A 20 32.04 -9.87 -12.39
C ALA A 20 30.99 -10.58 -11.56
N ILE A 21 30.68 -11.83 -11.92
CA ILE A 21 29.76 -12.63 -11.11
C ILE A 21 30.33 -12.82 -9.70
N ALA A 22 31.62 -13.17 -9.61
CA ALA A 22 32.23 -13.40 -8.32
C ALA A 22 32.30 -12.12 -7.50
N VAL A 23 32.62 -10.99 -8.14
CA VAL A 23 32.72 -9.72 -7.42
C VAL A 23 31.36 -9.33 -6.85
N LEU A 24 30.34 -9.31 -7.70
CA LEU A 24 29.01 -8.90 -7.23
C LEU A 24 28.44 -9.86 -6.20
N SER A 25 28.77 -11.15 -6.30
CA SER A 25 28.20 -12.13 -5.38
C SER A 25 28.97 -12.19 -4.06
N LEU A 26 30.28 -11.94 -4.09
CA LEU A 26 31.04 -11.96 -2.84
C LEU A 26 30.92 -10.66 -2.07
N THR A 27 30.66 -9.55 -2.75
CA THR A 27 30.40 -8.30 -2.04
C THR A 27 29.00 -8.33 -1.44
N LEU A 28 27.99 -8.37 -2.31
CA LEU A 28 26.61 -8.41 -1.83
C LEU A 28 26.36 -9.57 -0.89
N GLY A 29 26.93 -10.74 -1.20
CA GLY A 29 26.79 -11.90 -0.35
C GLY A 29 27.32 -11.67 1.05
N THR A 30 28.59 -11.28 1.16
CA THR A 30 29.15 -10.96 2.46
C THR A 30 28.42 -9.79 3.10
N PHE A 31 27.98 -8.82 2.29
CA PHE A 31 27.25 -7.68 2.82
C PHE A 31 25.86 -8.11 3.32
N THR A 32 25.17 -8.97 2.57
CA THR A 32 23.85 -9.41 2.97
C THR A 32 23.90 -10.27 4.23
N VAL A 33 24.88 -11.17 4.32
CA VAL A 33 24.98 -12.03 5.50
C VAL A 33 25.26 -11.20 6.74
N LEU A 34 26.17 -10.24 6.64
CA LEU A 34 26.50 -9.43 7.81
C LEU A 34 25.32 -8.58 8.25
N GLU A 35 24.52 -8.08 7.31
CA GLU A 35 23.33 -7.32 7.66
C GLU A 35 22.36 -8.16 8.49
N ASN A 36 21.95 -9.31 7.95
CA ASN A 36 20.95 -10.12 8.64
C ASN A 36 21.52 -10.77 9.89
N LEU A 37 22.79 -11.16 9.87
CA LEU A 37 23.43 -11.68 11.09
C LEU A 37 23.43 -10.63 12.18
N LEU A 38 23.48 -9.34 11.81
CA LEU A 38 23.31 -8.28 12.79
C LEU A 38 21.86 -8.14 13.22
N VAL A 39 20.93 -8.25 12.26
CA VAL A 39 19.51 -8.11 12.59
C VAL A 39 19.07 -9.21 13.54
N LEU A 40 19.45 -10.45 13.24
CA LEU A 40 19.11 -11.56 14.14
C LEU A 40 19.73 -11.36 15.51
N CYS A 41 20.96 -10.86 15.56
CA CYS A 41 21.60 -10.60 16.85
C CYS A 41 20.86 -9.52 17.62
N VAL A 42 20.35 -8.51 16.92
CA VAL A 42 19.61 -7.43 17.58
C VAL A 42 18.31 -7.95 18.17
N ILE A 43 17.59 -8.79 17.42
CA ILE A 43 16.30 -9.29 17.87
C ILE A 43 16.47 -10.13 19.14
N LEU A 44 17.42 -11.06 19.13
CA LEU A 44 17.66 -11.90 20.31
C LEU A 44 18.13 -11.05 21.48
N HIS A 45 18.97 -10.04 21.21
CA HIS A 45 19.31 -9.08 22.26
C HIS A 45 18.08 -8.30 22.69
N SER A 46 17.23 -7.93 21.73
CA SER A 46 15.98 -7.24 22.06
C SER A 46 14.98 -8.18 22.72
N ARG A 47 14.98 -9.46 22.35
CA ARG A 47 14.12 -10.44 23.01
C ARG A 47 14.45 -10.56 24.49
N SER A 48 15.73 -10.41 24.86
CA SER A 48 16.12 -10.50 26.25
C SER A 48 15.66 -9.29 27.05
N LEU A 49 15.35 -8.18 26.39
CA LEU A 49 15.04 -6.95 27.12
C LEU A 49 13.57 -6.56 27.05
N ARG A 50 12.95 -6.69 25.88
CA ARG A 50 11.56 -6.32 25.66
C ARG A 50 10.84 -7.48 24.98
N CYS A 51 9.71 -7.89 25.56
CA CYS A 51 8.88 -8.97 25.04
C CYS A 51 7.64 -8.46 24.32
N ARG A 52 7.56 -7.16 24.06
CA ARG A 52 6.39 -6.58 23.41
C ARG A 52 6.46 -6.66 21.88
N PRO A 53 7.57 -6.27 21.24
CA PRO A 53 7.62 -6.38 19.77
C PRO A 53 7.61 -7.83 19.34
N SER A 54 6.69 -8.15 18.41
CA SER A 54 6.54 -9.53 17.95
C SER A 54 7.80 -10.00 17.21
N TYR A 55 8.27 -9.19 16.26
CA TYR A 55 9.43 -9.50 15.43
C TYR A 55 9.26 -10.82 14.67
N HIS A 56 8.01 -11.25 14.44
CA HIS A 56 7.78 -12.48 13.70
C HIS A 56 8.09 -12.30 12.22
N PHE A 57 7.77 -11.14 11.66
CA PHE A 57 8.01 -10.89 10.25
C PHE A 57 9.49 -10.60 9.98
N ILE A 58 10.10 -9.74 10.79
CA ILE A 58 11.48 -9.33 10.54
C ILE A 58 12.43 -10.48 10.81
N GLY A 59 12.12 -11.35 11.77
CA GLY A 59 12.98 -12.49 12.02
C GLY A 59 12.92 -13.51 10.92
N SER A 60 11.71 -13.80 10.41
CA SER A 60 11.57 -14.74 9.31
C SER A 60 12.25 -14.23 8.05
N LEU A 61 12.08 -12.94 7.75
CA LEU A 61 12.71 -12.37 6.56
C LEU A 61 14.23 -12.41 6.68
N ALA A 62 14.76 -12.14 7.88
CA ALA A 62 16.21 -12.15 8.06
C ALA A 62 16.77 -13.57 7.97
N VAL A 63 16.10 -14.54 8.62
CA VAL A 63 16.56 -15.92 8.56
C VAL A 63 16.57 -16.42 7.13
N ALA A 64 15.51 -16.13 6.37
CA ALA A 64 15.45 -16.55 4.98
C ALA A 64 16.55 -15.90 4.16
N ASP A 65 16.78 -14.60 4.36
CA ASP A 65 17.80 -13.90 3.59
C ASP A 65 19.21 -14.37 3.96
N LEU A 66 19.43 -14.65 5.25
CA LEU A 66 20.73 -15.16 5.66
C LEU A 66 20.97 -16.55 5.09
N LEU A 67 20.07 -17.49 5.38
CA LEU A 67 20.21 -18.84 4.87
C LEU A 67 20.22 -18.86 3.35
N GLY A 68 19.33 -18.10 2.72
CA GLY A 68 19.27 -18.08 1.27
C GLY A 68 20.56 -17.59 0.65
N SER A 69 21.05 -16.43 1.10
CA SER A 69 22.24 -15.83 0.50
C SER A 69 23.47 -16.72 0.69
N VAL A 70 23.64 -17.30 1.89
CA VAL A 70 24.82 -18.12 2.16
C VAL A 70 24.86 -19.30 1.18
N ILE A 71 23.76 -20.03 1.07
CA ILE A 71 23.73 -21.19 0.18
C ILE A 71 23.78 -20.75 -1.27
N PHE A 72 23.11 -19.62 -1.60
CA PHE A 72 23.09 -19.16 -2.99
C PHE A 72 24.47 -18.76 -3.46
N VAL A 73 25.09 -17.77 -2.80
CA VAL A 73 26.38 -17.25 -3.24
C VAL A 73 27.41 -18.37 -3.33
N TYR A 74 27.43 -19.27 -2.34
CA TYR A 74 28.38 -20.38 -2.37
C TYR A 74 28.12 -21.29 -3.57
N SER A 75 26.87 -21.72 -3.74
CA SER A 75 26.54 -22.60 -4.86
C SER A 75 26.69 -21.87 -6.19
N PHE A 76 26.31 -20.59 -6.23
CA PHE A 76 26.40 -19.84 -7.48
C PHE A 76 27.85 -19.68 -7.92
N ILE A 77 28.74 -19.36 -6.99
CA ILE A 77 30.15 -19.20 -7.34
C ILE A 77 30.80 -20.55 -7.60
N ASP A 78 30.43 -21.57 -6.81
CA ASP A 78 30.97 -22.91 -7.04
C ASP A 78 30.51 -23.46 -8.38
N PHE A 79 29.24 -23.20 -8.75
CA PHE A 79 28.74 -23.69 -10.02
C PHE A 79 29.33 -22.92 -11.20
N HIS A 80 29.45 -21.60 -11.06
CA HIS A 80 29.92 -20.76 -12.17
C HIS A 80 31.44 -20.65 -12.21
N VAL A 81 32.05 -20.15 -11.14
CA VAL A 81 33.48 -19.88 -11.17
C VAL A 81 34.28 -21.18 -11.09
N PHE A 82 33.80 -22.15 -10.31
CA PHE A 82 34.52 -23.40 -10.12
C PHE A 82 34.02 -24.53 -11.01
N HIS A 83 32.86 -24.37 -11.65
CA HIS A 83 32.32 -25.35 -12.60
C HIS A 83 32.15 -26.72 -11.94
N ARG A 84 31.42 -26.75 -10.83
CA ARG A 84 31.21 -28.00 -10.11
C ARG A 84 30.03 -28.76 -10.72
N LYS A 85 30.26 -30.03 -11.02
CA LYS A 85 29.22 -30.92 -11.57
C LYS A 85 28.76 -31.86 -10.47
N ASP A 86 27.57 -31.61 -9.95
CA ASP A 86 26.99 -32.43 -8.89
C ASP A 86 25.97 -33.40 -9.47
N SER A 87 25.73 -34.49 -8.73
CA SER A 87 24.69 -35.43 -9.10
C SER A 87 23.33 -34.74 -9.03
N ARG A 88 22.32 -35.39 -9.63
CA ARG A 88 21.00 -34.79 -9.70
C ARG A 88 20.44 -34.54 -8.30
N ASN A 89 20.46 -35.57 -7.44
CA ASN A 89 19.89 -35.40 -6.11
C ASN A 89 20.70 -34.43 -5.27
N VAL A 90 22.04 -34.45 -5.42
CA VAL A 90 22.87 -33.53 -4.67
C VAL A 90 22.66 -32.10 -5.15
N PHE A 91 22.41 -31.90 -6.44
CA PHE A 91 22.12 -30.56 -6.93
C PHE A 91 20.71 -30.14 -6.55
N LEU A 92 19.72 -31.02 -6.77
CA LEU A 92 18.34 -30.71 -6.37
C LEU A 92 18.23 -30.51 -4.87
N PHE A 93 19.14 -31.11 -4.09
CA PHE A 93 19.23 -30.79 -2.67
C PHE A 93 19.64 -29.34 -2.47
N LYS A 94 20.70 -28.91 -3.16
CA LYS A 94 21.16 -27.53 -3.05
C LYS A 94 20.14 -26.57 -3.65
N LEU A 95 19.65 -26.87 -4.86
CA LEU A 95 18.64 -26.02 -5.49
C LEU A 95 17.38 -25.95 -4.65
N GLY A 96 16.99 -27.07 -4.03
CA GLY A 96 15.84 -27.05 -3.14
C GLY A 96 16.07 -26.17 -1.93
N GLY A 97 17.31 -26.13 -1.42
CA GLY A 97 17.60 -25.32 -0.26
C GLY A 97 17.44 -23.84 -0.52
N VAL A 98 18.02 -23.36 -1.62
CA VAL A 98 17.92 -21.93 -1.94
C VAL A 98 16.49 -21.56 -2.33
N THR A 99 15.82 -22.44 -3.09
CA THR A 99 14.46 -22.13 -3.53
C THR A 99 13.52 -21.96 -2.35
N ALA A 100 13.58 -22.89 -1.38
CA ALA A 100 12.73 -22.78 -0.21
C ALA A 100 13.00 -21.50 0.57
N SER A 101 14.28 -21.15 0.75
CA SER A 101 14.64 -19.96 1.49
C SER A 101 14.09 -18.71 0.82
N PHE A 102 14.30 -18.59 -0.50
CA PHE A 102 13.77 -17.43 -1.22
C PHE A 102 12.25 -17.48 -1.30
N THR A 103 11.66 -18.68 -1.38
CA THR A 103 10.21 -18.79 -1.35
C THR A 103 9.66 -18.38 0.01
N ALA A 104 10.28 -18.87 1.09
CA ALA A 104 9.87 -18.47 2.42
C ALA A 104 10.09 -16.98 2.64
N SER A 105 11.13 -16.41 2.04
CA SER A 105 11.37 -14.97 2.13
C SER A 105 10.21 -14.19 1.52
N VAL A 106 9.82 -14.54 0.30
CA VAL A 106 8.69 -13.86 -0.33
C VAL A 106 7.37 -14.28 0.30
N GLY A 107 7.33 -15.45 0.96
CA GLY A 107 6.18 -15.80 1.76
C GLY A 107 6.07 -14.94 3.01
N SER A 108 7.20 -14.53 3.57
CA SER A 108 7.19 -13.59 4.67
C SER A 108 6.65 -12.24 4.21
N LEU A 109 7.10 -11.76 3.04
CA LEU A 109 6.54 -10.53 2.49
C LEU A 109 5.06 -10.69 2.19
N PHE A 110 4.62 -11.90 1.85
CA PHE A 110 3.20 -12.14 1.65
C PHE A 110 2.43 -12.03 2.97
N LEU A 111 2.99 -12.57 4.05
CA LEU A 111 2.36 -12.44 5.36
C LEU A 111 2.42 -11.01 5.88
N ALA A 112 3.47 -10.27 5.52
CA ALA A 112 3.52 -8.85 5.85
C ALA A 112 2.46 -8.07 5.08
N ALA A 113 2.17 -8.48 3.86
CA ALA A 113 1.13 -7.81 3.08
C ALA A 113 -0.24 -8.02 3.71
N ILE A 114 -0.55 -9.26 4.09
CA ILE A 114 -1.85 -9.54 4.70
C ILE A 114 -1.94 -8.91 6.08
N ASP A 115 -0.81 -8.75 6.77
CA ASP A 115 -0.82 -8.11 8.08
C ASP A 115 -1.23 -6.64 7.97
N ARG A 116 -0.70 -5.94 6.96
CA ARG A 116 -1.01 -4.53 6.78
C ARG A 116 -2.20 -4.29 5.87
N TYR A 117 -2.62 -5.30 5.09
CA TYR A 117 -3.85 -5.16 4.31
C TYR A 117 -5.08 -5.29 5.21
N ILE A 118 -5.06 -6.22 6.15
CA ILE A 118 -6.19 -6.39 7.06
C ILE A 118 -6.33 -5.17 7.97
N SER A 119 -5.20 -4.55 8.36
CA SER A 119 -5.26 -3.37 9.21
C SER A 119 -5.98 -2.22 8.52
N ILE A 120 -5.90 -2.14 7.20
CA ILE A 120 -6.55 -1.06 6.46
C ILE A 120 -7.98 -1.45 6.06
N HIS A 121 -8.18 -2.67 5.56
CA HIS A 121 -9.50 -3.09 5.11
C HIS A 121 -10.44 -3.29 6.28
N ARG A 122 -9.95 -3.85 7.39
CA ARG A 122 -10.75 -4.17 8.57
C ARG A 122 -10.00 -3.69 9.81
N PRO A 123 -10.02 -2.38 10.09
CA PRO A 123 -9.29 -1.88 11.27
C PRO A 123 -9.92 -2.32 12.58
N LEU A 124 -11.25 -2.33 12.67
CA LEU A 124 -11.91 -2.71 13.92
C LEU A 124 -11.77 -4.20 14.19
N ALA A 125 -11.64 -5.01 13.15
CA ALA A 125 -11.53 -6.46 13.29
C ALA A 125 -10.10 -6.96 13.14
N TYR A 126 -9.13 -6.06 13.05
CA TYR A 126 -7.74 -6.47 12.89
C TYR A 126 -7.23 -7.20 14.13
N LYS A 127 -7.62 -6.73 15.32
CA LYS A 127 -7.16 -7.37 16.55
C LYS A 127 -7.78 -8.73 16.77
N ARG A 128 -8.91 -9.02 16.13
CA ARG A 128 -9.55 -10.33 16.28
C ARG A 128 -8.93 -11.38 15.36
N ILE A 129 -8.45 -10.96 14.18
CA ILE A 129 -7.91 -11.90 13.20
C ILE A 129 -6.43 -12.16 13.48
N VAL A 130 -5.60 -11.15 13.28
CA VAL A 130 -4.16 -11.30 13.43
C VAL A 130 -3.83 -11.31 14.93
N THR A 131 -3.35 -12.46 15.42
CA THR A 131 -2.95 -12.61 16.81
C THR A 131 -1.52 -13.15 16.86
N ARG A 132 -0.99 -13.24 18.08
CA ARG A 132 0.33 -13.84 18.24
C ARG A 132 0.32 -15.33 17.94
N PRO A 133 -0.59 -16.14 18.50
CA PRO A 133 -0.56 -17.57 18.15
C PRO A 133 -0.89 -17.85 16.69
N LYS A 134 -1.82 -17.09 16.10
CA LYS A 134 -2.13 -17.28 14.68
C LYS A 134 -0.94 -16.95 13.80
N ALA A 135 -0.25 -15.83 14.10
CA ALA A 135 0.94 -15.49 13.33
C ALA A 135 2.08 -16.45 13.60
N VAL A 136 2.16 -16.99 14.82
CA VAL A 136 3.17 -18.01 15.12
C VAL A 136 2.92 -19.26 14.29
N VAL A 137 1.66 -19.71 14.25
CA VAL A 137 1.31 -20.90 13.47
C VAL A 137 1.47 -20.62 11.98
N ALA A 138 1.03 -19.45 11.51
CA ALA A 138 1.05 -19.15 10.09
C ALA A 138 2.48 -19.18 9.54
N PHE A 139 3.42 -18.56 10.25
CA PHE A 139 4.80 -18.55 9.80
C PHE A 139 5.39 -19.96 9.78
N CYS A 140 5.09 -20.76 10.80
CA CYS A 140 5.56 -22.14 10.82
C CYS A 140 5.04 -22.91 9.61
N LEU A 141 3.74 -22.81 9.34
CA LEU A 141 3.18 -23.49 8.17
C LEU A 141 3.72 -22.90 6.88
N MET A 142 3.95 -21.58 6.85
CA MET A 142 4.55 -20.97 5.67
C MET A 142 5.94 -21.54 5.41
N TRP A 143 6.70 -21.82 6.47
CA TRP A 143 8.03 -22.38 6.29
C TRP A 143 7.97 -23.84 5.84
N THR A 144 7.08 -24.63 6.45
CA THR A 144 6.97 -26.04 6.08
C THR A 144 6.52 -26.19 4.63
N ILE A 145 5.50 -25.43 4.23
CA ILE A 145 5.05 -25.46 2.84
C ILE A 145 6.16 -25.03 1.90
N ALA A 146 6.91 -23.99 2.29
CA ALA A 146 8.04 -23.57 1.47
C ALA A 146 9.07 -24.68 1.33
N ILE A 147 9.33 -25.41 2.42
CA ILE A 147 10.26 -26.53 2.34
C ILE A 147 9.65 -27.68 1.54
N VAL A 148 8.37 -27.98 1.77
CA VAL A 148 7.73 -29.11 1.10
C VAL A 148 7.77 -28.92 -0.41
N ILE A 149 7.42 -27.73 -0.89
CA ILE A 149 7.39 -27.49 -2.33
C ILE A 149 8.79 -27.62 -2.93
N ALA A 150 9.80 -27.07 -2.25
CA ALA A 150 11.16 -27.09 -2.78
C ALA A 150 11.84 -28.46 -2.65
N VAL A 151 11.33 -29.34 -1.78
CA VAL A 151 11.89 -30.68 -1.68
C VAL A 151 11.26 -31.63 -2.70
N LEU A 152 10.09 -31.30 -3.23
CA LEU A 152 9.44 -32.12 -4.25
C LEU A 152 10.37 -32.53 -5.40
N PRO A 153 11.19 -31.65 -5.99
CA PRO A 153 12.09 -32.11 -7.06
C PRO A 153 13.05 -33.20 -6.60
N LEU A 154 13.52 -33.13 -5.35
CA LEU A 154 14.42 -34.16 -4.84
C LEU A 154 13.68 -35.47 -4.64
N LEU A 155 12.42 -35.41 -4.19
CA LEU A 155 11.62 -36.61 -4.00
C LEU A 155 11.23 -37.22 -5.35
N GLY A 156 10.65 -36.42 -6.21
CA GLY A 156 10.27 -36.86 -7.55
C GLY A 156 10.05 -35.63 -8.40
N TRP A 157 9.08 -35.71 -9.31
CA TRP A 157 8.60 -34.54 -10.06
C TRP A 157 9.76 -33.70 -10.62
N ASN A 158 10.77 -34.37 -11.16
CA ASN A 158 11.90 -33.71 -11.80
C ASN A 158 11.98 -34.18 -13.25
N CYS A 159 12.90 -33.57 -14.00
CA CYS A 159 12.98 -33.84 -15.43
C CYS A 159 13.62 -35.19 -15.75
N GLU A 160 14.42 -35.74 -14.83
CA GLU A 160 15.05 -37.03 -15.09
C GLU A 160 14.26 -38.21 -14.53
N LYS A 161 13.58 -38.02 -13.40
CA LYS A 161 12.79 -39.11 -12.83
C LYS A 161 11.63 -39.48 -13.74
N LEU A 162 11.04 -38.49 -14.40
CA LEU A 162 9.96 -38.69 -15.36
C LEU A 162 10.46 -38.34 -16.75
N GLN A 163 9.89 -38.99 -17.76
CA GLN A 163 10.14 -38.55 -19.12
C GLN A 163 9.53 -37.16 -19.27
N SER A 164 10.36 -36.13 -19.14
CA SER A 164 9.86 -34.76 -18.97
C SER A 164 10.63 -33.80 -19.86
N VAL A 165 10.05 -32.62 -20.04
CA VAL A 165 10.69 -31.59 -20.81
C VAL A 165 11.42 -30.74 -19.78
N CYS A 166 12.72 -30.63 -19.92
CA CYS A 166 13.55 -29.89 -18.98
C CYS A 166 13.69 -28.37 -19.15
N SER A 167 14.25 -27.73 -18.11
CA SER A 167 14.47 -26.29 -18.08
C SER A 167 15.87 -25.96 -18.58
N ASP A 168 15.97 -24.90 -19.37
CA ASP A 168 17.26 -24.47 -19.89
C ASP A 168 17.98 -23.51 -18.96
N ILE A 169 17.37 -23.16 -17.84
CA ILE A 169 18.04 -22.35 -16.84
C ILE A 169 18.23 -23.09 -15.52
N PHE A 170 17.46 -24.12 -15.23
CA PHE A 170 17.61 -24.91 -14.01
C PHE A 170 17.74 -26.38 -14.39
N PRO A 171 18.88 -27.01 -14.14
CA PRO A 171 19.05 -28.42 -14.52
C PRO A 171 18.22 -29.34 -13.62
N HIS A 172 17.76 -30.44 -14.23
CA HIS A 172 17.05 -31.51 -13.52
C HIS A 172 15.71 -31.04 -12.95
N ILE A 173 15.05 -30.08 -13.61
CA ILE A 173 13.77 -29.56 -13.13
C ILE A 173 12.73 -29.66 -14.25
N ASP A 174 11.56 -30.19 -13.90
CA ASP A 174 10.45 -30.27 -14.84
C ASP A 174 9.78 -28.91 -14.98
N LYS A 175 9.43 -28.53 -16.21
CA LYS A 175 8.81 -27.24 -16.45
C LYS A 175 7.44 -27.14 -15.79
N THR A 176 6.72 -28.26 -15.69
CA THR A 176 5.43 -28.24 -15.00
C THR A 176 5.60 -27.87 -13.53
N TYR A 177 6.63 -28.41 -12.88
CA TYR A 177 6.92 -28.01 -11.51
C TYR A 177 7.26 -26.53 -11.44
N LEU A 178 8.03 -26.03 -12.40
CA LEU A 178 8.40 -24.62 -12.41
C LEU A 178 7.17 -23.73 -12.58
N MET A 179 6.29 -24.10 -13.53
CA MET A 179 5.05 -23.35 -13.70
C MET A 179 4.23 -23.35 -12.42
N PHE A 180 4.18 -24.48 -11.72
CA PHE A 180 3.51 -24.51 -10.42
C PHE A 180 4.24 -23.63 -9.41
N TRP A 181 5.57 -23.71 -9.39
CA TRP A 181 6.33 -22.86 -8.48
C TRP A 181 6.20 -21.39 -8.85
N ILE A 182 6.27 -21.08 -10.14
CA ILE A 182 6.05 -19.70 -10.59
C ILE A 182 4.66 -19.24 -10.21
N GLY A 183 3.67 -20.12 -10.34
CA GLY A 183 2.30 -19.73 -10.04
C GLY A 183 2.10 -19.30 -8.61
N VAL A 184 2.51 -20.14 -7.67
CA VAL A 184 2.34 -19.81 -6.25
C VAL A 184 3.16 -18.57 -5.87
N VAL A 185 4.35 -18.44 -6.45
CA VAL A 185 5.18 -17.26 -6.18
C VAL A 185 4.56 -16.02 -6.83
N SER A 186 4.00 -16.16 -8.03
CA SER A 186 3.41 -15.02 -8.69
C SER A 186 2.13 -14.56 -8.00
N VAL A 187 1.34 -15.51 -7.49
CA VAL A 187 0.07 -15.15 -6.85
C VAL A 187 0.30 -14.25 -5.65
N LEU A 188 1.18 -14.68 -4.73
CA LEU A 188 1.45 -13.87 -3.55
C LEU A 188 2.13 -12.56 -3.92
N LEU A 189 2.99 -12.59 -4.95
CA LEU A 189 3.62 -11.35 -5.40
C LEU A 189 2.59 -10.39 -5.97
N LEU A 190 1.66 -10.90 -6.78
CA LEU A 190 0.60 -10.04 -7.31
C LEU A 190 -0.30 -9.55 -6.19
N PHE A 191 -0.56 -10.39 -5.18
CA PHE A 191 -1.32 -9.93 -4.02
C PHE A 191 -0.56 -8.85 -3.25
N ILE A 192 0.74 -9.04 -3.07
CA ILE A 192 1.57 -8.00 -2.46
C ILE A 192 1.46 -6.71 -3.25
N VAL A 193 1.62 -6.79 -4.57
CA VAL A 193 1.51 -5.61 -5.41
C VAL A 193 0.10 -5.05 -5.37
N TYR A 194 -0.91 -5.93 -5.42
CA TYR A 194 -2.30 -5.45 -5.36
C TYR A 194 -2.59 -4.78 -4.03
N ALA A 195 -2.17 -5.39 -2.93
CA ALA A 195 -2.48 -4.84 -1.60
C ALA A 195 -1.88 -3.46 -1.43
N TYR A 196 -0.58 -3.33 -1.70
CA TYR A 196 0.08 -2.04 -1.50
C TYR A 196 -0.45 -0.98 -2.47
N MET A 197 -0.74 -1.38 -3.71
CA MET A 197 -1.42 -0.47 -4.63
C MET A 197 -2.81 -0.12 -4.13
N TYR A 198 -3.50 -1.07 -3.47
CA TYR A 198 -4.80 -0.79 -2.89
C TYR A 198 -4.69 0.14 -1.69
N ILE A 199 -3.55 0.10 -0.99
CA ILE A 199 -3.34 1.01 0.13
C ILE A 199 -3.17 2.44 -0.36
N LEU A 200 -2.34 2.63 -1.39
CA LEU A 200 -2.05 3.97 -1.87
C LEU A 200 -3.28 4.62 -2.49
N TRP A 201 -4.07 3.84 -3.23
CA TRP A 201 -5.30 4.40 -3.81
C TRP A 201 -6.33 4.71 -2.73
N LYS A 202 -6.37 3.90 -1.67
CA LYS A 202 -7.30 4.18 -0.57
C LYS A 202 -6.86 5.40 0.22
N ALA A 203 -5.56 5.54 0.47
CA ALA A 203 -5.06 6.70 1.20
C ALA A 203 -5.07 7.96 0.36
N HIS A 204 -5.12 7.84 -0.97
CA HIS A 204 -5.15 9.02 -1.83
C HIS A 204 -6.49 9.74 -1.72
N SER A 205 -7.58 9.00 -1.53
CA SER A 205 -8.90 9.63 -1.44
C SER A 205 -9.09 10.35 -0.10
N HIS A 206 -8.39 9.90 0.95
CA HIS A 206 -8.52 10.52 2.26
C HIS A 206 -7.61 11.72 2.44
N ALA A 207 -6.56 11.84 1.63
CA ALA A 207 -5.61 12.94 1.80
C ALA A 207 -6.29 14.30 1.58
N VAL A 208 -6.98 14.46 0.46
CA VAL A 208 -7.69 15.68 0.13
C VAL A 208 -9.14 15.53 0.57
N ALA A 209 -9.65 16.53 1.28
CA ALA A 209 -11.03 16.51 1.74
C ALA A 209 -11.96 17.09 0.68
N LYS A 210 -13.18 16.61 0.67
CA LYS A 210 -14.19 17.00 -0.33
C LYS A 210 -15.26 17.84 0.34
N ALA A 211 -15.55 19.00 -0.24
CA ALA A 211 -16.54 19.93 0.27
C ALA A 211 -17.62 20.18 -0.78
N LEU A 212 -18.87 20.05 -0.38
CA LEU A 212 -20.01 20.26 -1.26
C LEU A 212 -20.72 21.55 -0.90
N ILE A 213 -20.90 22.41 -1.89
CA ILE A 213 -21.55 23.71 -1.72
C ILE A 213 -22.78 23.76 -2.60
N VAL A 214 -23.93 24.07 -2.00
CA VAL A 214 -25.16 24.32 -2.75
C VAL A 214 -25.70 25.68 -2.35
N TYR A 215 -26.39 26.33 -3.28
CA TYR A 215 -26.90 27.67 -3.02
C TYR A 215 -28.13 27.93 -3.88
N GLY A 216 -29.01 28.79 -3.36
CA GLY A 216 -30.14 29.26 -4.12
C GLY A 216 -29.77 30.53 -4.88
N SER A 217 -29.80 31.66 -4.19
CA SER A 217 -29.33 32.94 -4.72
C SER A 217 -30.01 33.33 -6.02
N THR A 218 -31.22 33.89 -5.92
CA THR A 218 -31.87 34.43 -7.11
C THR A 218 -31.08 35.60 -7.68
N THR A 219 -30.77 36.59 -6.85
CA THR A 219 -30.04 37.76 -7.31
C THR A 219 -28.60 37.42 -7.67
N GLY A 220 -28.02 36.42 -7.01
CA GLY A 220 -26.63 36.07 -7.20
C GLY A 220 -25.70 36.41 -6.05
N ASN A 221 -26.24 36.80 -4.89
CA ASN A 221 -25.40 37.14 -3.76
C ASN A 221 -24.89 35.90 -3.04
N THR A 222 -25.81 34.99 -2.67
CA THR A 222 -25.38 33.74 -2.03
C THR A 222 -24.50 32.93 -2.96
N GLU A 223 -24.69 33.05 -4.28
CA GLU A 223 -23.75 32.47 -5.22
C GLU A 223 -22.40 33.15 -5.12
N TYR A 224 -22.39 34.49 -5.19
CA TYR A 224 -21.14 35.23 -4.98
C TYR A 224 -20.55 34.92 -3.61
N THR A 225 -21.41 34.74 -2.61
CA THR A 225 -20.94 34.26 -1.31
C THR A 225 -20.33 32.87 -1.44
N ALA A 226 -21.08 31.93 -1.99
CA ALA A 226 -20.57 30.58 -2.20
C ALA A 226 -19.32 30.59 -3.08
N GLU A 227 -19.29 31.45 -4.10
CA GLU A 227 -18.09 31.58 -4.92
C GLU A 227 -16.93 32.14 -4.11
N THR A 228 -17.22 33.05 -3.17
CA THR A 228 -16.19 33.52 -2.25
C THR A 228 -15.91 32.50 -1.15
N ILE A 229 -16.94 31.77 -0.71
CA ILE A 229 -16.74 30.70 0.27
C ILE A 229 -15.86 29.60 -0.32
N ALA A 230 -16.09 29.26 -1.59
CA ALA A 230 -15.41 28.12 -2.19
C ALA A 230 -13.91 28.37 -2.33
N ARG A 231 -13.51 29.61 -2.63
CA ARG A 231 -12.11 29.87 -2.93
C ARG A 231 -11.22 29.71 -1.70
N GLU A 232 -11.67 30.18 -0.53
CA GLU A 232 -10.93 29.92 0.69
C GLU A 232 -10.77 28.41 0.91
N LEU A 233 -11.84 27.64 0.71
CA LEU A 233 -11.73 26.19 0.76
C LEU A 233 -10.80 25.69 -0.34
N ALA A 234 -10.97 26.19 -1.56
CA ALA A 234 -10.14 25.73 -2.68
C ALA A 234 -8.69 26.17 -2.49
N ASP A 235 -8.46 27.41 -2.08
CA ASP A 235 -7.10 27.88 -1.81
C ASP A 235 -6.48 27.10 -0.66
N ALA A 236 -7.28 26.75 0.34
CA ALA A 236 -6.74 25.96 1.45
C ALA A 236 -6.33 24.56 0.99
N GLY A 237 -7.08 23.98 0.06
CA GLY A 237 -6.79 22.64 -0.41
C GLY A 237 -7.96 21.70 -0.26
N TYR A 238 -9.17 22.20 -0.50
CA TYR A 238 -10.39 21.42 -0.44
C TYR A 238 -10.92 21.18 -1.85
N GLU A 239 -11.25 19.93 -2.16
CA GLU A 239 -12.02 19.67 -3.38
C GLU A 239 -13.39 20.28 -3.23
N VAL A 240 -13.75 21.15 -4.18
CA VAL A 240 -15.01 21.87 -4.13
C VAL A 240 -15.90 21.42 -5.29
N ASP A 241 -17.20 21.29 -5.01
CA ASP A 241 -18.20 20.96 -6.00
C ASP A 241 -19.43 21.84 -5.76
N SER A 242 -19.27 23.14 -5.99
CA SER A 242 -20.38 24.06 -5.86
C SER A 242 -21.43 23.75 -6.90
N ARG A 243 -22.70 23.73 -6.48
CA ARG A 243 -23.80 23.38 -7.35
C ARG A 243 -25.00 24.26 -7.05
N ASP A 244 -25.58 24.87 -8.09
CA ASP A 244 -26.82 25.61 -7.94
C ASP A 244 -27.92 24.67 -7.45
N ALA A 245 -28.73 25.16 -6.51
CA ALA A 245 -29.80 24.33 -5.96
C ALA A 245 -30.85 23.96 -7.00
N ALA A 246 -30.90 24.69 -8.13
CA ALA A 246 -31.88 24.40 -9.17
C ALA A 246 -31.54 23.16 -9.96
N SER A 247 -30.33 22.59 -9.81
CA SER A 247 -29.89 21.41 -10.56
C SER A 247 -29.17 20.47 -9.58
N VAL A 248 -29.95 19.80 -8.74
CA VAL A 248 -29.40 18.86 -7.76
C VAL A 248 -30.26 17.60 -7.73
N GLU A 249 -29.62 16.49 -7.39
CA GLU A 249 -30.29 15.21 -7.19
C GLU A 249 -30.40 14.94 -5.70
N ALA A 250 -31.62 14.60 -5.25
CA ALA A 250 -31.88 14.50 -3.82
C ALA A 250 -31.14 13.32 -3.20
N GLY A 251 -31.44 12.11 -3.65
CA GLY A 251 -30.89 10.90 -3.05
C GLY A 251 -29.38 10.81 -3.10
N GLY A 252 -28.76 10.64 -1.94
CA GLY A 252 -27.31 10.53 -1.87
C GLY A 252 -26.58 11.77 -2.31
N LEU A 253 -27.16 12.96 -2.08
CA LEU A 253 -26.53 14.19 -2.52
C LEU A 253 -25.25 14.48 -1.76
N PHE A 254 -25.18 14.08 -0.49
CA PHE A 254 -24.03 14.39 0.36
C PHE A 254 -23.03 13.25 0.45
N GLU A 255 -23.24 12.16 -0.29
CA GLU A 255 -22.41 10.97 -0.15
C GLU A 255 -20.94 11.28 -0.44
N GLY A 256 -20.07 10.84 0.45
CA GLY A 256 -18.64 10.93 0.23
C GLY A 256 -18.03 12.29 0.44
N PHE A 257 -18.72 13.20 1.12
CA PHE A 257 -18.23 14.55 1.37
C PHE A 257 -17.86 14.67 2.84
N ASP A 258 -16.59 15.01 3.11
CA ASP A 258 -16.16 15.22 4.48
C ASP A 258 -16.81 16.46 5.09
N LEU A 259 -17.14 17.44 4.26
CA LEU A 259 -17.80 18.66 4.69
C LEU A 259 -18.83 19.06 3.66
N VAL A 260 -19.98 19.55 4.13
CA VAL A 260 -21.09 19.92 3.26
C VAL A 260 -21.58 21.31 3.68
N LEU A 261 -21.51 22.27 2.77
CA LEU A 261 -21.90 23.64 3.05
C LEU A 261 -23.20 23.95 2.33
N LEU A 262 -24.25 24.25 3.10
CA LEU A 262 -25.58 24.50 2.57
C LEU A 262 -25.89 25.99 2.72
N GLY A 263 -25.85 26.71 1.61
CA GLY A 263 -26.17 28.13 1.58
C GLY A 263 -27.50 28.36 0.90
N CYS A 264 -28.29 29.29 1.43
CA CYS A 264 -29.58 29.60 0.85
C CYS A 264 -29.96 31.02 1.18
N SER A 265 -30.51 31.73 0.19
CA SER A 265 -31.00 33.08 0.39
C SER A 265 -32.41 33.04 0.97
N THR A 266 -32.71 34.01 1.84
CA THR A 266 -34.02 34.10 2.45
C THR A 266 -34.88 35.07 1.66
N TRP A 267 -36.09 34.64 1.31
CA TRP A 267 -37.01 35.42 0.49
C TRP A 267 -38.38 35.47 1.16
N GLY A 268 -38.42 36.04 2.35
CA GLY A 268 -39.64 36.11 3.12
C GLY A 268 -40.39 37.42 2.99
N ASP A 269 -41.33 37.49 2.03
CA ASP A 269 -42.15 38.70 1.88
C ASP A 269 -43.10 38.85 3.06
N ASP A 270 -43.97 37.86 3.25
CA ASP A 270 -44.88 37.83 4.40
C ASP A 270 -44.32 36.96 5.53
N SER A 271 -44.06 35.69 5.24
CA SER A 271 -43.45 34.76 6.18
C SER A 271 -42.15 34.25 5.60
N ILE A 272 -41.36 33.57 6.44
CA ILE A 272 -40.05 33.08 6.03
C ILE A 272 -40.19 32.16 4.84
N GLU A 273 -39.51 32.48 3.75
CA GLU A 273 -39.52 31.65 2.55
C GLU A 273 -38.11 31.58 1.98
N LEU A 274 -37.74 30.39 1.49
CA LEU A 274 -36.41 30.17 0.97
C LEU A 274 -36.40 30.36 -0.55
N GLN A 275 -35.27 30.07 -1.17
CA GLN A 275 -35.16 30.18 -2.61
C GLN A 275 -35.96 29.07 -3.28
N ASP A 276 -36.73 29.44 -4.31
CA ASP A 276 -37.58 28.47 -5.00
C ASP A 276 -36.79 27.31 -5.56
N ASP A 277 -35.51 27.53 -5.88
CA ASP A 277 -34.65 26.44 -6.32
C ASP A 277 -34.21 25.56 -5.16
N PHE A 278 -34.07 26.14 -3.96
CA PHE A 278 -33.61 25.38 -2.80
C PHE A 278 -34.72 24.58 -2.15
N ILE A 279 -35.97 24.88 -2.47
CA ILE A 279 -37.12 24.23 -1.84
C ILE A 279 -37.20 22.73 -2.20
N PRO A 280 -37.09 22.33 -3.47
CA PRO A 280 -37.17 20.88 -3.77
C PRO A 280 -36.13 20.07 -3.02
N LEU A 281 -34.89 20.56 -2.93
CA LEU A 281 -33.88 19.84 -2.15
C LEU A 281 -34.19 19.88 -0.67
N PHE A 282 -34.82 20.94 -0.19
CA PHE A 282 -35.19 21.05 1.22
C PHE A 282 -36.22 19.99 1.59
N ASP A 283 -37.24 19.86 0.76
CA ASP A 283 -38.30 18.90 1.02
C ASP A 283 -37.86 17.46 1.02
N SER A 284 -36.93 17.13 0.14
CA SER A 284 -36.46 15.77 -0.02
C SER A 284 -35.17 15.47 0.71
N LEU A 285 -34.93 16.19 1.80
CA LEU A 285 -33.69 16.00 2.52
C LEU A 285 -33.42 14.60 3.08
N GLU A 286 -34.43 13.95 3.64
CA GLU A 286 -34.23 12.63 4.19
C GLU A 286 -33.52 11.83 3.12
N GLU A 287 -33.89 12.09 1.89
CA GLU A 287 -33.28 11.42 0.76
C GLU A 287 -31.80 11.77 0.77
N THR A 288 -31.51 12.99 1.18
CA THR A 288 -30.14 13.45 1.26
C THR A 288 -29.56 12.57 2.33
N GLY A 289 -28.24 12.39 2.36
CA GLY A 289 -27.69 11.50 3.36
C GLY A 289 -28.12 12.00 4.72
N ALA A 290 -27.96 13.29 4.97
CA ALA A 290 -28.46 13.85 6.22
C ALA A 290 -28.06 13.10 7.49
N GLN A 291 -26.84 12.59 7.58
CA GLN A 291 -26.52 11.85 8.80
C GLN A 291 -25.08 11.81 9.23
N GLY A 292 -24.82 12.38 10.40
CA GLY A 292 -23.48 12.38 10.93
C GLY A 292 -22.55 12.97 9.90
N ARG A 293 -23.05 13.95 9.16
CA ARG A 293 -22.26 14.58 8.13
C ARG A 293 -21.87 15.91 8.66
N LYS A 294 -20.58 16.24 8.61
CA LYS A 294 -20.15 17.53 9.07
C LYS A 294 -20.76 18.47 8.08
N VAL A 295 -21.51 19.44 8.57
CA VAL A 295 -22.17 20.38 7.70
C VAL A 295 -22.18 21.75 8.32
N ALA A 296 -22.32 22.74 7.45
CA ALA A 296 -22.35 24.15 7.85
C ALA A 296 -23.26 24.89 6.88
N CYS A 297 -23.78 26.03 7.35
CA CYS A 297 -24.74 26.80 6.58
C CYS A 297 -24.24 28.21 6.34
N PHE A 298 -24.79 28.84 5.30
CA PHE A 298 -24.57 30.25 5.04
C PHE A 298 -25.78 30.77 4.28
N GLY A 299 -25.77 32.07 3.99
CA GLY A 299 -26.88 32.67 3.28
C GLY A 299 -26.90 34.18 3.34
N CYS A 300 -27.64 34.80 2.42
CA CYS A 300 -27.75 36.23 2.34
C CYS A 300 -29.14 36.69 2.79
N GLY A 301 -29.21 37.92 3.25
CA GLY A 301 -30.47 38.50 3.69
C GLY A 301 -30.42 40.00 3.69
N ASP A 302 -31.17 40.60 4.61
CA ASP A 302 -31.20 42.05 4.74
C ASP A 302 -31.73 42.40 6.12
N SER A 303 -31.14 43.44 6.72
CA SER A 303 -31.55 43.83 8.07
C SER A 303 -32.97 44.35 8.11
N SER A 304 -33.47 44.89 6.99
CA SER A 304 -34.80 45.49 6.95
C SER A 304 -35.93 44.49 7.18
N TRP A 305 -35.65 43.19 7.15
CA TRP A 305 -36.67 42.18 7.33
C TRP A 305 -36.62 41.61 8.75
N GLU A 306 -37.80 41.21 9.24
CA GLU A 306 -37.91 40.74 10.62
C GLU A 306 -37.14 39.44 10.84
N TYR A 307 -36.94 38.65 9.79
CA TYR A 307 -36.31 37.33 9.89
C TYR A 307 -35.00 37.37 9.10
N PHE A 308 -33.96 37.90 9.73
CA PHE A 308 -32.65 38.01 9.09
C PHE A 308 -32.10 36.60 8.85
N CYS A 309 -31.99 36.20 7.59
CA CYS A 309 -31.48 34.89 7.21
C CYS A 309 -32.25 33.78 7.92
N GLY A 310 -33.58 33.90 7.94
CA GLY A 310 -34.40 32.84 8.49
C GLY A 310 -34.27 31.53 7.76
N ALA A 311 -33.82 31.57 6.50
CA ALA A 311 -33.52 30.35 5.75
C ALA A 311 -32.46 29.52 6.44
N VAL A 312 -31.41 30.17 6.94
CA VAL A 312 -30.32 29.46 7.62
C VAL A 312 -30.85 28.77 8.87
N ASP A 313 -31.81 29.39 9.56
CA ASP A 313 -32.38 28.78 10.75
C ASP A 313 -33.23 27.56 10.40
N ALA A 314 -34.04 27.67 9.34
CA ALA A 314 -34.90 26.55 8.96
C ALA A 314 -34.07 25.36 8.50
N ILE A 315 -32.96 25.61 7.79
CA ILE A 315 -32.11 24.52 7.31
C ILE A 315 -31.39 23.85 8.49
N GLU A 316 -30.78 24.67 9.36
CA GLU A 316 -30.06 24.12 10.51
C GLU A 316 -30.98 23.32 11.42
N GLU A 317 -32.27 23.67 11.46
CA GLU A 317 -33.21 22.89 12.27
C GLU A 317 -33.42 21.51 11.70
N LYS A 318 -33.44 21.38 10.37
CA LYS A 318 -33.56 20.06 9.75
C LYS A 318 -32.26 19.28 9.84
N LEU A 319 -31.11 19.97 9.80
CA LEU A 319 -29.84 19.27 9.82
C LEU A 319 -29.57 18.63 11.19
N LYS A 320 -29.71 19.42 12.26
CA LYS A 320 -29.56 18.86 13.61
C LYS A 320 -30.71 17.93 13.96
N ASN A 321 -31.84 18.01 13.25
CA ASN A 321 -32.92 17.05 13.44
C ASN A 321 -32.46 15.65 13.06
N LEU A 322 -31.76 15.53 11.93
CA LEU A 322 -31.30 14.24 11.43
C LEU A 322 -29.95 13.83 12.00
N GLY A 323 -29.31 14.69 12.78
CA GLY A 323 -28.05 14.34 13.43
C GLY A 323 -26.80 14.82 12.73
N ALA A 324 -26.93 15.61 11.66
CA ALA A 324 -25.76 16.12 10.96
C ALA A 324 -25.01 17.10 11.85
N GLU A 325 -23.72 16.85 12.08
CA GLU A 325 -22.92 17.66 12.98
C GLU A 325 -22.69 19.04 12.36
N ILE A 326 -23.35 20.05 12.93
CA ILE A 326 -23.13 21.43 12.51
C ILE A 326 -21.87 21.92 13.24
N VAL A 327 -20.76 22.02 12.52
CA VAL A 327 -19.48 22.32 13.15
C VAL A 327 -19.42 23.77 13.59
N GLN A 328 -19.96 24.68 12.78
CA GLN A 328 -19.99 26.10 13.12
C GLN A 328 -21.32 26.70 12.69
N ASP A 329 -21.67 27.80 13.33
CA ASP A 329 -22.93 28.48 13.07
C ASP A 329 -23.02 28.92 11.61
N GLY A 330 -24.25 29.21 11.18
CA GLY A 330 -24.46 29.62 9.81
C GLY A 330 -23.99 31.04 9.56
N LEU A 331 -23.41 31.26 8.38
CA LEU A 331 -22.97 32.59 8.00
C LEU A 331 -24.16 33.41 7.49
N ARG A 332 -24.28 34.64 7.96
CA ARG A 332 -25.45 35.47 7.67
C ARG A 332 -24.96 36.82 7.16
N ILE A 333 -25.37 37.17 5.94
CA ILE A 333 -24.91 38.39 5.27
C ILE A 333 -26.13 39.22 4.85
N ASP A 334 -25.99 40.53 4.94
CA ASP A 334 -27.01 41.48 4.48
C ASP A 334 -26.43 42.34 3.36
N GLY A 335 -27.30 42.75 2.44
CA GLY A 335 -26.86 43.58 1.34
C GLY A 335 -25.95 42.82 0.41
N ASP A 336 -24.78 43.40 0.15
CA ASP A 336 -23.81 42.75 -0.75
C ASP A 336 -22.68 42.14 0.05
N PRO A 337 -22.30 40.90 -0.25
CA PRO A 337 -21.17 40.27 0.43
C PRO A 337 -19.81 40.76 -0.07
N ARG A 338 -19.79 41.67 -1.05
CA ARG A 338 -18.54 42.19 -1.56
C ARG A 338 -17.84 43.06 -0.52
N ALA A 339 -18.61 43.76 0.32
CA ALA A 339 -18.04 44.47 1.45
C ALA A 339 -17.76 43.53 2.62
N ALA A 340 -18.44 42.39 2.67
CA ALA A 340 -18.27 41.41 3.74
C ALA A 340 -17.36 40.26 3.33
N ARG A 341 -16.43 40.50 2.39
CA ARG A 341 -15.51 39.44 1.98
C ARG A 341 -14.64 38.98 3.14
N ASP A 342 -14.29 39.89 4.05
CA ASP A 342 -13.45 39.51 5.18
C ASP A 342 -14.17 38.54 6.11
N ASP A 343 -15.44 38.81 6.41
CA ASP A 343 -16.21 37.90 7.24
C ASP A 343 -16.47 36.57 6.53
N ILE A 344 -16.54 36.59 5.21
CA ILE A 344 -16.77 35.35 4.45
C ILE A 344 -15.56 34.43 4.57
N VAL A 345 -14.38 34.92 4.21
CA VAL A 345 -13.17 34.12 4.36
C VAL A 345 -12.85 33.86 5.82
N GLY A 346 -13.34 34.70 6.72
CA GLY A 346 -13.19 34.43 8.14
C GLY A 346 -14.02 33.25 8.58
N TRP A 347 -15.32 33.26 8.24
CA TRP A 347 -16.17 32.13 8.57
C TRP A 347 -15.76 30.87 7.83
N ALA A 348 -15.20 31.02 6.63
CA ALA A 348 -14.77 29.85 5.87
C ALA A 348 -13.47 29.27 6.41
N HIS A 349 -12.56 30.13 6.87
CA HIS A 349 -11.35 29.63 7.53
C HIS A 349 -11.66 29.07 8.92
N ASP A 350 -12.69 29.60 9.58
CA ASP A 350 -13.06 29.10 10.90
C ASP A 350 -13.74 27.73 10.80
N VAL A 351 -14.67 27.58 9.86
CA VAL A 351 -15.31 26.28 9.66
C VAL A 351 -14.30 25.26 9.15
N ARG A 352 -13.22 25.71 8.52
CA ARG A 352 -12.14 24.81 8.16
C ARG A 352 -11.28 24.46 9.38
N GLY A 353 -11.09 25.42 10.28
CA GLY A 353 -10.28 25.16 11.46
C GLY A 353 -10.94 24.17 12.41
N ALA A 354 -12.23 24.37 12.68
CA ALA A 354 -12.97 23.47 13.55
C ALA A 354 -13.29 22.19 12.80
N ILE A 355 -12.71 21.07 13.25
CA ILE A 355 -12.91 19.79 12.60
C ILE A 355 -12.59 18.65 13.57
N ARG A 360 -3.83 14.18 4.78
CA ARG A 360 -2.65 13.69 4.07
C ARG A 360 -2.29 12.27 4.52
N MET A 361 -1.06 11.85 4.22
CA MET A 361 -0.61 10.51 4.57
C MET A 361 0.89 10.53 4.79
N ASP A 362 1.38 9.51 5.49
CA ASP A 362 2.82 9.34 5.72
C ASP A 362 3.48 9.01 4.39
N ILE A 363 4.09 10.01 3.76
CA ILE A 363 4.67 9.80 2.43
C ILE A 363 5.86 8.85 2.51
N GLU A 364 6.62 8.89 3.61
CA GLU A 364 7.73 7.96 3.76
C GLU A 364 7.23 6.52 3.80
N LEU A 365 6.10 6.28 4.47
CA LEU A 365 5.46 4.98 4.40
C LEU A 365 4.79 4.77 3.05
N ALA A 366 4.29 5.85 2.44
CA ALA A 366 3.70 5.74 1.11
C ALA A 366 4.76 5.51 0.04
N LYS A 367 5.89 6.22 0.15
CA LYS A 367 6.98 5.98 -0.80
C LYS A 367 7.61 4.62 -0.58
N THR A 368 7.69 4.18 0.68
CA THR A 368 8.25 2.86 0.96
C THR A 368 7.46 1.78 0.23
N LEU A 369 6.13 1.86 0.25
CA LEU A 369 5.32 0.95 -0.56
C LEU A 369 5.66 1.09 -2.04
N VAL A 370 5.77 2.33 -2.52
CA VAL A 370 6.20 2.57 -3.89
C VAL A 370 7.59 1.98 -4.11
N LEU A 371 8.50 2.24 -3.18
CA LEU A 371 9.85 1.70 -3.28
C LEU A 371 9.82 0.18 -3.29
N ILE A 372 9.13 -0.43 -2.32
CA ILE A 372 9.03 -1.89 -2.27
C ILE A 372 8.44 -2.44 -3.56
N LEU A 373 7.36 -1.80 -4.04
CA LEU A 373 6.78 -2.24 -5.30
C LEU A 373 7.74 -2.03 -6.45
N VAL A 374 8.43 -0.89 -6.49
CA VAL A 374 9.48 -0.69 -7.48
C VAL A 374 10.60 -1.71 -7.27
N VAL A 375 10.93 -2.00 -6.02
CA VAL A 375 11.97 -2.99 -5.72
C VAL A 375 11.52 -4.37 -6.19
N LEU A 376 10.31 -4.78 -5.80
CA LEU A 376 9.84 -6.11 -6.16
C LEU A 376 9.68 -6.27 -7.66
N ILE A 377 9.16 -5.24 -8.34
CA ILE A 377 9.05 -5.29 -9.80
C ILE A 377 10.44 -5.35 -10.42
N ILE A 378 11.40 -4.63 -9.85
CA ILE A 378 12.76 -4.67 -10.39
C ILE A 378 13.41 -6.02 -10.14
N CYS A 379 13.27 -6.56 -8.93
CA CYS A 379 13.99 -7.77 -8.56
C CYS A 379 13.31 -9.06 -8.99
N TRP A 380 11.97 -9.09 -9.00
CA TRP A 380 11.25 -10.31 -9.36
C TRP A 380 10.58 -10.26 -10.72
N GLY A 381 10.46 -9.09 -11.33
CA GLY A 381 9.90 -8.97 -12.65
C GLY A 381 10.73 -9.70 -13.69
N PRO A 382 11.94 -9.19 -13.96
CA PRO A 382 12.80 -9.86 -14.95
C PRO A 382 13.16 -11.29 -14.58
N LEU A 383 13.33 -11.59 -13.28
CA LEU A 383 13.70 -12.95 -12.88
C LEU A 383 12.61 -13.95 -13.26
N LEU A 384 11.36 -13.67 -12.88
CA LEU A 384 10.28 -14.56 -13.26
C LEU A 384 9.98 -14.49 -14.75
N ALA A 385 10.28 -13.36 -15.39
CA ALA A 385 10.06 -13.24 -16.83
C ALA A 385 10.91 -14.25 -17.59
N ILE A 386 12.21 -14.31 -17.28
CA ILE A 386 13.10 -15.25 -17.94
C ILE A 386 12.63 -16.69 -17.70
N MET A 387 12.12 -16.96 -16.50
CA MET A 387 11.63 -18.30 -16.20
C MET A 387 10.37 -18.62 -17.00
N VAL A 388 9.54 -17.62 -17.31
CA VAL A 388 8.37 -17.85 -18.15
C VAL A 388 8.80 -18.15 -19.58
N TYR A 389 9.84 -17.45 -20.07
CA TYR A 389 10.41 -17.78 -21.38
C TYR A 389 10.89 -19.22 -21.40
N ASP A 390 11.39 -19.72 -20.27
CA ASP A 390 11.84 -21.11 -20.22
C ASP A 390 10.67 -22.07 -20.21
N VAL A 391 9.54 -21.69 -19.60
CA VAL A 391 8.39 -22.57 -19.55
C VAL A 391 7.72 -22.66 -20.92
N PHE A 392 7.38 -21.51 -21.50
CA PHE A 392 6.77 -21.44 -22.82
C PHE A 392 7.88 -21.27 -23.85
N GLY A 393 8.10 -22.30 -24.67
CA GLY A 393 9.20 -22.21 -25.61
C GLY A 393 10.54 -22.35 -24.90
N LYS A 394 11.59 -21.90 -25.59
CA LYS A 394 12.95 -21.97 -25.07
C LYS A 394 13.66 -20.65 -25.40
N MET A 395 14.87 -20.52 -24.87
CA MET A 395 15.63 -19.28 -24.96
C MET A 395 16.99 -19.53 -25.60
N ASN A 396 17.65 -18.44 -25.97
CA ASN A 396 18.96 -18.51 -26.58
C ASN A 396 20.04 -18.44 -25.49
N LYS A 397 21.30 -18.31 -25.91
CA LYS A 397 22.41 -18.28 -24.96
C LYS A 397 22.52 -16.95 -24.24
N LEU A 398 22.18 -15.84 -24.90
CA LEU A 398 22.25 -14.53 -24.25
C LEU A 398 21.31 -14.45 -23.06
N ILE A 399 20.12 -15.03 -23.19
CA ILE A 399 19.15 -14.98 -22.09
C ILE A 399 19.68 -15.73 -20.88
N LYS A 400 20.37 -16.85 -21.11
CA LYS A 400 21.03 -17.56 -20.02
C LYS A 400 22.03 -16.65 -19.32
N THR A 401 22.81 -15.89 -20.10
CA THR A 401 23.74 -14.94 -19.51
C THR A 401 23.00 -13.83 -18.77
N VAL A 402 21.94 -13.30 -19.39
CA VAL A 402 21.14 -12.27 -18.72
C VAL A 402 20.52 -12.83 -17.45
N PHE A 403 19.99 -14.04 -17.51
CA PHE A 403 19.41 -14.65 -16.32
C PHE A 403 20.47 -14.87 -15.24
N ALA A 404 21.70 -15.22 -15.66
CA ALA A 404 22.79 -15.33 -14.69
C ALA A 404 23.02 -14.00 -13.99
N PHE A 405 23.02 -12.90 -14.73
CA PHE A 405 23.07 -11.59 -14.12
C PHE A 405 21.79 -11.26 -13.36
N CYS A 406 20.65 -11.77 -13.85
CA CYS A 406 19.39 -11.57 -13.14
C CYS A 406 19.25 -12.47 -11.93
N SER A 407 19.97 -13.60 -11.90
CA SER A 407 20.04 -14.38 -10.66
C SER A 407 20.70 -13.58 -9.55
N MET A 408 21.65 -12.70 -9.91
CA MET A 408 22.22 -11.77 -8.96
C MET A 408 21.22 -10.72 -8.50
N LEU A 409 20.19 -10.47 -9.31
CA LEU A 409 19.26 -9.37 -9.02
C LEU A 409 18.40 -9.68 -7.81
N CYS A 410 18.00 -10.95 -7.64
CA CYS A 410 17.23 -11.31 -6.46
C CYS A 410 18.10 -11.28 -5.19
N LEU A 411 19.39 -11.59 -5.33
CA LEU A 411 20.29 -11.47 -4.19
C LEU A 411 20.39 -10.03 -3.71
N LEU A 412 20.34 -9.08 -4.63
CA LEU A 412 20.34 -7.67 -4.26
C LEU A 412 19.11 -7.34 -3.42
N ASN A 413 17.96 -7.95 -3.74
CA ASN A 413 16.76 -7.75 -2.94
C ASN A 413 16.99 -8.18 -1.50
N SER A 414 17.65 -9.32 -1.29
CA SER A 414 17.97 -9.76 0.06
C SER A 414 18.92 -8.78 0.74
N THR A 415 19.69 -8.03 -0.03
CA THR A 415 20.59 -7.03 0.55
C THR A 415 19.82 -5.78 0.98
N VAL A 416 18.86 -5.33 0.17
CA VAL A 416 18.15 -4.09 0.45
C VAL A 416 16.95 -4.28 1.38
N ASN A 417 16.56 -5.53 1.66
CA ASN A 417 15.41 -5.74 2.55
C ASN A 417 15.70 -5.31 3.99
N PRO A 418 16.81 -5.71 4.62
CA PRO A 418 17.07 -5.22 5.98
C PRO A 418 17.22 -3.71 6.07
N ILE A 419 17.47 -3.03 4.95
CA ILE A 419 17.46 -1.58 4.95
C ILE A 419 16.04 -1.04 4.84
N ILE A 420 15.14 -1.80 4.21
CA ILE A 420 13.77 -1.34 4.00
C ILE A 420 12.93 -1.53 5.27
N TYR A 421 13.00 -2.73 5.86
CA TYR A 421 12.14 -3.08 6.98
C TYR A 421 12.84 -2.95 8.33
N ALA A 422 14.00 -3.59 8.49
CA ALA A 422 14.68 -3.59 9.77
C ALA A 422 15.17 -2.19 10.14
N LEU A 423 15.73 -1.47 9.18
CA LEU A 423 16.20 -0.11 9.46
C LEU A 423 15.02 0.82 9.76
N ARG A 424 13.89 0.61 9.10
CA ARG A 424 12.70 1.41 9.36
C ARG A 424 12.02 1.05 10.67
N SER A 425 12.40 -0.05 11.30
CA SER A 425 11.81 -0.46 12.57
C SER A 425 12.31 0.45 13.67
N LYS A 426 11.41 1.28 14.22
CA LYS A 426 11.79 2.18 15.31
C LYS A 426 12.24 1.40 16.53
N ASP A 427 11.68 0.21 16.76
CA ASP A 427 12.06 -0.58 17.93
C ASP A 427 13.43 -1.19 17.76
N LEU A 428 13.76 -1.66 16.55
CA LEU A 428 15.07 -2.28 16.33
C LEU A 428 16.20 -1.28 16.53
N ARG A 429 16.04 -0.06 15.99
CA ARG A 429 17.07 0.96 16.17
C ARG A 429 17.27 1.29 17.65
N HIS A 430 16.20 1.20 18.45
CA HIS A 430 16.35 1.36 19.90
C HIS A 430 17.17 0.22 20.47
N ALA A 431 16.96 -1.01 19.99
CA ALA A 431 17.72 -2.15 20.48
C ALA A 431 19.17 -2.09 20.03
N PHE A 432 19.43 -1.50 18.86
CA PHE A 432 20.81 -1.36 18.40
C PHE A 432 21.57 -0.36 19.26
N ARG A 433 20.94 0.75 19.62
CA ARG A 433 21.61 1.73 20.48
C ARG A 433 21.79 1.19 21.90
N SER A 434 20.89 0.30 22.34
CA SER A 434 21.02 -0.30 23.66
C SER A 434 22.24 -1.21 23.76
N MET A 435 22.80 -1.64 22.62
CA MET A 435 24.01 -2.43 22.62
C MET A 435 25.20 -1.67 23.20
N PHE A 436 25.17 -0.32 23.14
CA PHE A 436 26.22 0.60 23.57
C PHE A 436 26.10 0.95 25.05
N PRO A 437 27.22 1.26 25.71
CA PRO A 437 27.17 1.61 27.14
C PRO A 437 26.44 2.91 27.41
N SER A 438 26.24 3.23 28.68
CA SER A 438 25.57 4.47 29.07
C SER A 438 26.16 5.08 30.33
N1 FMN B . -33.82 38.85 3.70
C2 FMN B . -33.87 38.26 4.93
O2 FMN B . -32.87 38.25 5.68
N3 FMN B . -35.03 37.69 5.39
C4 FMN B . -36.23 37.64 4.70
O4 FMN B . -37.22 37.09 5.20
C4A FMN B . -36.18 38.26 3.39
N5 FMN B . -37.27 38.27 2.66
C5A FMN B . -37.23 38.88 1.42
C6 FMN B . -38.39 38.92 0.65
C7 FMN B . -38.41 39.56 -0.58
C7M FMN B . -39.68 39.60 -1.38
C8 FMN B . -37.24 40.17 -1.07
C8M FMN B . -37.22 40.90 -2.39
C9 FMN B . -36.06 40.10 -0.31
C9A FMN B . -36.05 39.47 0.92
N10 FMN B . -34.89 39.43 1.73
C10 FMN B . -34.92 38.84 2.97
C1' FMN B . -33.64 40.03 1.24
C2' FMN B . -32.78 39.04 0.46
O2' FMN B . -32.48 37.90 1.27
C3' FMN B . -31.47 39.70 0.02
O3' FMN B . -31.74 40.53 -1.11
C4' FMN B . -30.40 38.68 -0.37
O4' FMN B . -29.13 39.34 -0.48
C5' FMN B . -30.72 37.93 -1.65
O5' FMN B . -29.72 36.90 -1.82
P FMN B . -29.40 36.19 -3.22
O1P FMN B . -30.66 35.67 -3.82
O2P FMN B . -28.39 35.09 -2.91
O3P FMN B . -28.72 37.23 -4.10
C1 8D0 C . 18.78 -20.24 -7.71
C2 8D0 C . 18.16 -19.18 -8.39
C3 8D0 C . 18.69 -18.80 -9.64
C4 8D0 C . 19.79 -19.46 -10.20
C5 8D0 C . 20.41 -20.54 -9.52
N1 8D0 C . 12.43 -24.75 -8.39
C10 8D0 C . 21.43 -21.77 -11.55
C11 8D0 C . 22.64 -22.53 -12.11
C12 8D0 C . 23.06 -23.69 -11.19
C13 8D0 C . 23.22 -23.23 -9.73
C14 8D0 C . 22.34 -22.98 -13.55
C15 8D0 C . 22.63 -21.26 -7.17
C16 8D0 C . 21.99 -23.67 -6.90
C17 8D0 C . 16.95 -18.41 -7.83
C18 8D0 C . 15.63 -19.07 -8.29
C19 8D0 C . 16.94 -16.93 -8.25
C20 8D0 C . 17.02 -18.42 -6.28
C21 8D0 C . 15.39 -20.52 -7.81
C22 8D0 C . 13.90 -20.88 -7.68
C23 8D0 C . 13.23 -21.11 -9.04
C24 8D0 C . 12.38 -22.39 -9.06
C25 8D0 C . 13.23 -23.67 -8.89
C6 8D0 C . 19.89 -20.92 -8.26
C7 8D0 C . 21.61 -21.30 -10.08
C8 8D0 C . 21.90 -22.59 -9.26
C9 8D0 C . 21.74 -22.38 -7.73
O1 8D0 C . 20.40 -21.95 -7.50
O2 8D0 C . 21.28 -22.22 -14.07
O3 8D0 C . 20.21 -19.00 -11.42
C1 CLR D . 11.53 -17.81 11.66
C2 CLR D . 10.78 -16.76 12.47
C3 CLR D . 9.29 -16.94 12.24
C4 CLR D . 8.85 -18.26 12.87
C5 CLR D . 9.65 -19.38 12.21
C6 CLR D . 9.03 -20.50 11.97
C7 CLR D . 9.66 -21.64 11.19
C8 CLR D . 11.18 -21.66 11.36
C9 CLR D . 11.76 -20.25 11.17
C10 CLR D . 11.14 -19.23 12.11
C11 CLR D . 13.28 -20.26 11.30
C12 CLR D . 13.91 -21.20 10.26
C13 CLR D . 13.32 -22.61 10.37
C14 CLR D . 11.77 -22.50 10.24
C15 CLR D . 11.36 -23.97 10.21
C16 CLR D . 12.42 -24.58 9.25
C17 CLR D . 13.63 -23.60 9.23
C18 CLR D . 13.63 -23.22 11.73
C19 CLR D . 11.73 -19.47 13.51
C20 CLR D . 14.93 -24.40 9.42
C21 CLR D . 16.18 -23.53 9.25
C22 CLR D . 14.99 -25.50 8.34
C23 CLR D . 15.06 -24.87 6.96
C24 CLR D . 16.19 -25.49 6.13
C25 CLR D . 15.83 -25.46 4.65
C26 CLR D . 17.05 -25.90 3.82
C27 CLR D . 15.41 -24.05 4.23
O1 CLR D . 8.57 -15.85 12.85
C1 PEG E . 9.20 -14.98 20.56
O1 PEG E . 8.18 -15.57 21.31
C2 PEG E . 8.60 -14.11 19.45
O2 PEG E . 9.61 -13.52 18.69
C3 PEG E . 10.45 -14.44 18.06
C4 PEG E . 11.09 -13.81 16.82
O4 PEG E . 11.99 -14.72 16.24
#